data_3RX5
#
_entry.id   3RX5
#
_cell.length_a   85.210
_cell.length_b   129.470
_cell.length_c   49.310
_cell.angle_alpha   90.00
_cell.angle_beta   90.00
_cell.angle_gamma   90.00
#
_symmetry.space_group_name_H-M   'P 21 21 2'
#
loop_
_entity.id
_entity.type
_entity.pdbx_description
1 polymer Cellulase
2 branched beta-D-glucopyranose-(1-4)-beta-D-glucopyranose
3 non-polymer 'CALCIUM ION'
4 non-polymer 'ZINC ION'
5 non-polymer '(3R,4R,5R)-3-hydroxy-5-(hydroxymethyl)piperidin-4-yl 4-O-beta-D-glucopyranosyl-beta-D-glucopyranoside'
6 water water
#
_entity_poly.entity_id   1
_entity_poly.type   'polypeptide(L)'
_entity_poly.pdbx_seq_one_letter_code
;MPSRVPKSIFYNQVGYLISGDKRFWIQAHEPQPFALRTPEGQAVFAGMTKPVGGNWYVGDFTALRVPGTYTLTVGTLEAR
VVIHRRAYRDVLEAMLRFFDYQLCGVVLPEDEAGPWAHGACHTSDAKVFGTERALACPGGWHDAGDYGKYTVPAAKAVAD
LLLAHEYFPAALAHVRPMRSVHRAPHLPPALEVAREEIAWLLTMQDPATGGVYHKVTTPSFPPLDTRPEDDDAPLVLSPI
SYAATATFCAAMAHAALVYRPFDPALSSCCADAARRAYAWLGAHEMQPFHNPDGILTGEYGDAELRDELLWASCALLRMT
GDSAWARVCEPLLDLDLPWELGWADVALYGVMDYLRTPRAAVSDDVRNKVKSRLLRELDALAAMAESHPFGIPMRDDDFI
WGSNMVLLNRAMAFLLAEGVGVLHPAAHTVAQRAADYLFGANPLGQCYVTGFGQRPVRHPHHRPSVADDVDHPVPGMVVG
GPNRHLQDEIARAQLAGRPAMEAYIDHQDSYSTNEVAVYWNSPAVFVIAALLEARGR
;
_entity_poly.pdbx_strand_id   A
#
# COMPACT_ATOMS: atom_id res chain seq x y z
N VAL A 5 -10.82 3.58 -23.68
CA VAL A 5 -10.71 2.14 -23.82
C VAL A 5 -10.01 1.74 -25.14
N PRO A 6 -8.86 1.04 -25.10
CA PRO A 6 -8.22 0.61 -26.35
C PRO A 6 -8.86 -0.66 -26.95
N LYS A 7 -8.73 -0.85 -28.27
CA LYS A 7 -9.25 -2.02 -28.98
C LYS A 7 -8.10 -3.04 -29.02
N SER A 8 -7.87 -3.70 -27.89
CA SER A 8 -6.78 -4.66 -27.78
C SER A 8 -7.06 -5.77 -26.79
N ILE A 9 -6.02 -6.55 -26.52
CA ILE A 9 -6.02 -7.61 -25.54
C ILE A 9 -5.62 -6.88 -24.23
N PHE A 10 -6.29 -7.25 -23.12
CA PHE A 10 -6.08 -6.73 -21.78
C PHE A 10 -5.45 -7.88 -21.00
N TYR A 11 -4.26 -7.68 -20.48
CA TYR A 11 -3.51 -8.75 -19.84
C TYR A 11 -2.57 -8.18 -18.80
N ASN A 12 -1.92 -9.08 -18.03
CA ASN A 12 -0.93 -8.69 -17.03
C ASN A 12 0.35 -8.35 -17.81
N GLN A 13 0.62 -7.05 -17.96
CA GLN A 13 1.74 -6.51 -18.75
C GLN A 13 3.11 -6.71 -18.10
N VAL A 14 3.15 -7.17 -16.84
CA VAL A 14 4.41 -7.48 -16.14
C VAL A 14 4.73 -8.95 -16.40
N GLY A 15 3.73 -9.80 -16.36
CA GLY A 15 4.00 -11.19 -16.60
C GLY A 15 3.15 -12.12 -15.80
N TYR A 16 3.47 -13.40 -15.93
CA TYR A 16 2.72 -14.47 -15.30
C TYR A 16 3.71 -15.45 -14.73
N LEU A 17 3.32 -16.08 -13.63
CA LEU A 17 4.21 -17.02 -12.98
C LEU A 17 4.04 -18.37 -13.62
N ILE A 18 5.13 -19.15 -13.71
CA ILE A 18 5.09 -20.51 -14.27
C ILE A 18 3.91 -21.30 -13.67
N SER A 19 3.83 -21.33 -12.33
CA SER A 19 2.83 -22.08 -11.57
C SER A 19 1.57 -21.26 -11.22
N GLY A 20 1.51 -20.03 -11.70
CA GLY A 20 0.36 -19.19 -11.40
C GLY A 20 -0.75 -19.31 -12.44
N ASP A 21 -1.91 -18.71 -12.10
CA ASP A 21 -3.09 -18.64 -12.96
C ASP A 21 -2.81 -17.61 -14.06
N LYS A 22 -3.22 -17.92 -15.31
CA LYS A 22 -2.91 -17.07 -16.46
C LYS A 22 -4.17 -16.76 -17.24
N ARG A 23 -4.50 -15.48 -17.29
CA ARG A 23 -5.71 -15.03 -17.94
C ARG A 23 -5.48 -13.75 -18.75
N PHE A 24 -6.28 -13.57 -19.83
CA PHE A 24 -6.32 -12.36 -20.63
C PHE A 24 -7.80 -12.01 -20.86
N TRP A 25 -8.09 -10.75 -21.17
CA TRP A 25 -9.46 -10.29 -21.40
C TRP A 25 -9.55 -9.60 -22.76
N ILE A 26 -10.75 -9.63 -23.37
CA ILE A 26 -11.08 -8.95 -24.63
C ILE A 26 -12.54 -8.51 -24.58
N GLN A 27 -12.85 -7.38 -25.25
CA GLN A 27 -14.25 -6.95 -25.38
C GLN A 27 -14.71 -7.72 -26.61
N ALA A 28 -15.68 -8.61 -26.45
CA ALA A 28 -16.11 -9.46 -27.56
C ALA A 28 -17.60 -9.73 -27.54
N HIS A 29 -18.09 -10.21 -28.69
CA HIS A 29 -19.48 -10.53 -28.98
C HIS A 29 -19.80 -12.03 -28.73
N GLU A 30 -18.80 -12.91 -28.86
CA GLU A 30 -18.94 -14.34 -28.80
C GLU A 30 -17.60 -15.03 -28.48
N PRO A 31 -17.59 -16.36 -28.15
CA PRO A 31 -16.32 -17.05 -27.94
C PRO A 31 -15.49 -17.07 -29.20
N GLN A 32 -14.18 -16.98 -29.06
CA GLN A 32 -13.25 -16.97 -30.18
C GLN A 32 -12.11 -17.91 -29.83
N PRO A 33 -11.47 -18.54 -30.82
CA PRO A 33 -10.27 -19.31 -30.49
C PRO A 33 -9.08 -18.38 -30.30
N PHE A 34 -8.11 -18.80 -29.48
CA PHE A 34 -6.89 -18.05 -29.26
C PHE A 34 -5.76 -19.01 -29.24
N ALA A 35 -4.54 -18.49 -29.49
CA ALA A 35 -3.32 -19.26 -29.48
C ALA A 35 -2.20 -18.49 -28.80
N LEU A 36 -1.25 -19.22 -28.23
CA LEU A 36 -0.02 -18.69 -27.68
C LEU A 36 1.10 -19.29 -28.46
N ARG A 37 1.94 -18.43 -29.00
CA ARG A 37 3.00 -18.84 -29.89
C ARG A 37 4.35 -18.40 -29.39
N THR A 38 5.40 -19.18 -29.70
CA THR A 38 6.79 -18.81 -29.42
C THR A 38 7.14 -17.55 -30.25
N PRO A 39 8.24 -16.80 -29.96
CA PRO A 39 8.51 -15.59 -30.77
C PRO A 39 8.57 -15.81 -32.29
N GLU A 40 8.95 -17.02 -32.74
CA GLU A 40 8.96 -17.38 -34.17
C GLU A 40 7.56 -17.42 -34.78
N GLY A 41 6.57 -17.95 -34.04
CA GLY A 41 5.17 -18.02 -34.45
C GLY A 41 4.45 -19.34 -34.28
N GLN A 42 5.17 -20.39 -33.81
CA GLN A 42 4.59 -21.73 -33.58
C GLN A 42 3.65 -21.73 -32.38
N ALA A 43 2.43 -22.28 -32.54
CA ALA A 43 1.45 -22.42 -31.47
C ALA A 43 1.95 -23.42 -30.42
N VAL A 44 1.80 -23.08 -29.13
CA VAL A 44 2.23 -23.92 -28.00
C VAL A 44 0.98 -24.24 -27.13
N PHE A 45 -0.04 -23.38 -27.21
CA PHE A 45 -1.28 -23.56 -26.46
C PHE A 45 -2.44 -23.00 -27.28
N ALA A 46 -3.60 -23.63 -27.22
CA ALA A 46 -4.78 -23.13 -27.91
C ALA A 46 -5.97 -23.30 -26.99
N GLY A 47 -6.95 -22.42 -27.12
CA GLY A 47 -8.16 -22.48 -26.32
C GLY A 47 -9.25 -21.62 -26.91
N MET A 48 -10.38 -21.56 -26.22
CA MET A 48 -11.54 -20.76 -26.62
C MET A 48 -11.82 -19.76 -25.53
N THR A 49 -12.10 -18.49 -25.90
CA THR A 49 -12.48 -17.47 -24.93
C THR A 49 -13.86 -17.81 -24.33
N LYS A 50 -14.13 -17.32 -23.12
CA LYS A 50 -15.41 -17.56 -22.47
C LYS A 50 -16.02 -16.28 -21.88
N PRO A 51 -17.36 -16.14 -21.87
CA PRO A 51 -17.93 -14.87 -21.38
C PRO A 51 -17.83 -14.71 -19.87
N VAL A 52 -17.67 -13.46 -19.42
CA VAL A 52 -17.61 -13.08 -18.01
C VAL A 52 -18.52 -11.87 -17.72
N GLY A 53 -19.30 -11.44 -18.73
CA GLY A 53 -20.22 -10.33 -18.59
C GLY A 53 -19.68 -8.95 -18.90
N GLY A 54 -20.61 -7.98 -18.97
CA GLY A 54 -20.38 -6.56 -19.25
C GLY A 54 -19.49 -6.21 -20.43
N ASN A 55 -19.56 -7.00 -21.54
CA ASN A 55 -18.78 -6.89 -22.82
C ASN A 55 -17.51 -7.76 -22.82
N TRP A 56 -17.18 -8.35 -21.67
CA TRP A 56 -15.96 -9.11 -21.49
C TRP A 56 -15.96 -10.60 -21.74
N TYR A 57 -14.89 -11.04 -22.39
CA TYR A 57 -14.54 -12.44 -22.58
C TYR A 57 -13.15 -12.64 -22.00
N VAL A 58 -12.88 -13.85 -21.50
CA VAL A 58 -11.58 -14.22 -20.96
C VAL A 58 -11.05 -15.44 -21.65
N GLY A 59 -9.74 -15.56 -21.66
CA GLY A 59 -9.05 -16.74 -22.16
C GLY A 59 -8.12 -17.18 -21.06
N ASP A 60 -8.15 -18.47 -20.73
CA ASP A 60 -7.30 -19.00 -19.69
C ASP A 60 -6.24 -19.88 -20.31
N PHE A 61 -4.96 -19.59 -20.02
CA PHE A 61 -3.82 -20.34 -20.54
C PHE A 61 -2.89 -20.81 -19.40
N THR A 62 -3.46 -21.01 -18.18
CA THR A 62 -2.75 -21.46 -16.96
C THR A 62 -1.79 -22.65 -17.20
N ALA A 63 -2.25 -23.65 -18.02
CA ALA A 63 -1.51 -24.89 -18.30
C ALA A 63 -0.23 -24.72 -19.09
N LEU A 64 0.00 -23.53 -19.68
CA LEU A 64 1.26 -23.24 -20.36
C LEU A 64 2.25 -22.97 -19.22
N ARG A 65 3.17 -23.92 -18.98
CA ARG A 65 4.13 -23.88 -17.88
C ARG A 65 5.57 -23.61 -18.34
N VAL A 66 5.81 -23.58 -19.64
CA VAL A 66 7.16 -23.34 -20.15
C VAL A 66 7.44 -21.83 -20.12
N PRO A 67 8.50 -21.40 -19.41
CA PRO A 67 8.79 -19.96 -19.36
C PRO A 67 9.27 -19.43 -20.69
N GLY A 68 8.96 -18.18 -20.97
CA GLY A 68 9.36 -17.47 -22.17
C GLY A 68 8.47 -16.29 -22.48
N THR A 69 8.75 -15.65 -23.62
CA THR A 69 7.98 -14.54 -24.17
C THR A 69 7.13 -15.14 -25.28
N TYR A 70 5.80 -15.03 -25.16
CA TYR A 70 4.88 -15.63 -26.12
C TYR A 70 4.04 -14.61 -26.82
N THR A 71 3.64 -14.91 -28.06
CA THR A 71 2.73 -14.02 -28.77
C THR A 71 1.34 -14.60 -28.59
N LEU A 72 0.47 -13.83 -27.97
CA LEU A 72 -0.89 -14.24 -27.77
C LEU A 72 -1.70 -13.68 -28.93
N THR A 73 -2.46 -14.56 -29.62
CA THR A 73 -3.25 -14.13 -30.77
C THR A 73 -4.71 -14.47 -30.56
N VAL A 74 -5.61 -13.51 -30.78
CA VAL A 74 -7.07 -13.67 -30.69
C VAL A 74 -7.71 -12.70 -31.71
N GLY A 75 -8.60 -13.20 -32.56
CA GLY A 75 -9.16 -12.38 -33.63
C GLY A 75 -8.00 -11.90 -34.51
N THR A 76 -7.92 -10.60 -34.78
CA THR A 76 -6.78 -10.04 -35.52
C THR A 76 -5.82 -9.35 -34.55
N LEU A 77 -6.02 -9.54 -33.25
CA LEU A 77 -5.22 -8.88 -32.22
C LEU A 77 -4.04 -9.69 -31.74
N GLU A 78 -2.96 -9.02 -31.33
CA GLU A 78 -1.75 -9.68 -30.83
C GLU A 78 -1.27 -9.00 -29.56
N ALA A 79 -0.61 -9.76 -28.69
CA ALA A 79 -0.01 -9.23 -27.46
C ALA A 79 1.18 -10.06 -27.08
N ARG A 80 2.19 -9.44 -26.49
CA ARG A 80 3.31 -10.21 -26.03
C ARG A 80 3.18 -10.43 -24.53
N VAL A 81 3.15 -11.71 -24.13
CA VAL A 81 3.01 -12.10 -22.73
C VAL A 81 4.26 -12.79 -22.26
N VAL A 82 4.63 -12.58 -20.97
CA VAL A 82 5.80 -13.23 -20.39
C VAL A 82 5.43 -14.19 -19.30
N ILE A 83 6.03 -15.37 -19.36
CA ILE A 83 5.85 -16.42 -18.35
C ILE A 83 7.25 -16.65 -17.78
N HIS A 84 7.37 -16.56 -16.45
CA HIS A 84 8.66 -16.67 -15.77
C HIS A 84 8.45 -17.17 -14.34
N ARG A 85 9.43 -17.90 -13.81
CA ARG A 85 9.56 -18.44 -12.44
C ARG A 85 9.28 -17.36 -11.37
N ARG A 86 9.91 -16.20 -11.54
CA ARG A 86 9.78 -15.06 -10.62
C ARG A 86 9.45 -13.85 -11.42
N ALA A 87 8.31 -13.89 -12.14
CA ALA A 87 7.88 -12.79 -13.00
C ALA A 87 7.80 -11.44 -12.29
N TYR A 88 7.45 -11.46 -11.01
CA TYR A 88 7.25 -10.21 -10.26
C TYR A 88 8.44 -9.75 -9.41
N ARG A 89 9.63 -10.35 -9.58
CA ARG A 89 10.80 -9.95 -8.78
C ARG A 89 11.21 -8.48 -9.02
N ASP A 90 11.34 -8.06 -10.29
CA ASP A 90 11.73 -6.69 -10.64
C ASP A 90 10.74 -5.65 -10.16
N VAL A 91 9.42 -5.87 -10.37
CA VAL A 91 8.42 -4.89 -9.93
C VAL A 91 8.40 -4.83 -8.38
N LEU A 92 8.51 -6.00 -7.70
CA LEU A 92 8.50 -6.01 -6.22
C LEU A 92 9.69 -5.18 -5.70
N GLU A 93 10.89 -5.37 -6.30
CA GLU A 93 12.08 -4.62 -5.92
C GLU A 93 11.84 -3.11 -6.18
N ALA A 94 11.26 -2.73 -7.33
CA ALA A 94 11.02 -1.31 -7.60
C ALA A 94 9.97 -0.70 -6.65
N MET A 95 8.96 -1.49 -6.28
CA MET A 95 7.93 -1.05 -5.34
C MET A 95 8.55 -0.85 -3.95
N LEU A 96 9.52 -1.68 -3.57
CA LEU A 96 10.20 -1.52 -2.28
C LEU A 96 11.20 -0.34 -2.34
N ARG A 97 11.90 -0.19 -3.48
CA ARG A 97 12.87 0.92 -3.67
C ARG A 97 12.16 2.29 -3.71
N PHE A 98 10.85 2.31 -4.00
CA PHE A 98 10.07 3.56 -3.97
C PHE A 98 10.15 4.24 -2.57
N PHE A 99 10.09 3.47 -1.48
CA PHE A 99 10.18 4.04 -0.12
C PHE A 99 11.52 4.76 0.09
N ASP A 100 12.62 4.15 -0.45
CA ASP A 100 13.94 4.79 -0.40
C ASP A 100 14.00 6.06 -1.28
N TYR A 101 13.31 6.05 -2.42
CA TYR A 101 13.20 7.25 -3.28
C TYR A 101 12.44 8.37 -2.58
N GLN A 102 11.55 8.00 -1.61
CA GLN A 102 10.75 8.97 -0.84
C GLN A 102 11.52 9.51 0.38
N LEU A 103 12.71 8.98 0.68
CA LEU A 103 13.47 9.41 1.85
C LEU A 103 13.70 10.91 1.92
N CYS A 104 13.44 11.47 3.11
CA CYS A 104 13.58 12.91 3.40
C CYS A 104 14.86 13.13 4.25
N GLY A 105 15.57 14.24 4.02
CA GLY A 105 16.74 14.60 4.80
C GLY A 105 17.97 13.72 4.60
N VAL A 106 18.02 13.04 3.46
CA VAL A 106 19.02 12.02 3.12
C VAL A 106 19.54 12.22 1.71
N VAL A 107 20.87 12.21 1.53
CA VAL A 107 21.42 12.27 0.20
C VAL A 107 21.14 10.90 -0.47
N LEU A 108 20.51 10.95 -1.63
CA LEU A 108 20.25 9.75 -2.42
C LEU A 108 21.29 9.83 -3.54
N PRO A 109 22.35 9.01 -3.47
CA PRO A 109 23.42 9.11 -4.48
C PRO A 109 23.02 8.52 -5.83
N GLU A 110 23.64 9.02 -6.91
CA GLU A 110 23.36 8.52 -8.25
C GLU A 110 23.64 7.02 -8.40
N ASP A 111 24.65 6.46 -7.71
CA ASP A 111 24.92 5.02 -7.84
C ASP A 111 23.72 4.14 -7.35
N GLU A 112 22.88 4.70 -6.45
CA GLU A 112 21.67 4.03 -5.99
C GLU A 112 20.41 4.49 -6.70
N ALA A 113 20.21 5.81 -6.79
CA ALA A 113 18.97 6.40 -7.30
C ALA A 113 18.93 6.68 -8.82
N GLY A 114 20.07 6.65 -9.47
CA GLY A 114 20.18 6.93 -10.90
C GLY A 114 19.78 8.36 -11.23
N PRO A 115 19.00 8.56 -12.32
CA PRO A 115 18.63 9.94 -12.70
C PRO A 115 17.74 10.67 -11.69
N TRP A 116 17.12 9.91 -10.76
CA TRP A 116 16.25 10.48 -9.74
C TRP A 116 16.95 10.74 -8.42
N ALA A 117 18.30 10.87 -8.44
CA ALA A 117 19.10 11.21 -7.27
C ALA A 117 18.84 12.68 -6.91
N HIS A 118 19.09 13.05 -5.64
CA HIS A 118 18.94 14.40 -5.11
C HIS A 118 19.65 14.51 -3.77
N GLY A 119 19.91 15.75 -3.35
CA GLY A 119 20.56 16.04 -2.07
C GLY A 119 19.59 15.98 -0.91
N ALA A 120 20.11 16.07 0.34
CA ALA A 120 19.31 16.04 1.57
C ALA A 120 18.32 17.20 1.58
N CYS A 121 17.04 16.91 1.80
CA CYS A 121 15.98 17.90 1.74
C CYS A 121 15.35 18.09 3.11
N HIS A 122 14.66 19.25 3.35
CA HIS A 122 13.93 19.51 4.59
C HIS A 122 14.75 19.22 5.86
N THR A 123 15.98 19.74 5.91
CA THR A 123 16.89 19.48 7.02
C THR A 123 16.71 20.38 8.23
N SER A 124 15.96 21.46 8.09
CA SER A 124 15.73 22.41 9.18
C SER A 124 14.82 21.85 10.29
N ASP A 125 14.94 22.39 11.51
CA ASP A 125 14.06 22.00 12.62
C ASP A 125 12.67 22.52 12.33
N ALA A 126 11.67 21.79 12.78
CA ALA A 126 10.28 22.15 12.61
C ALA A 126 9.84 22.96 13.83
N LYS A 127 8.89 23.86 13.65
CA LYS A 127 8.37 24.62 14.80
C LYS A 127 7.09 23.98 15.25
N VAL A 128 6.93 23.79 16.57
CA VAL A 128 5.68 23.26 17.11
C VAL A 128 4.61 24.36 16.88
N PHE A 129 3.48 24.02 16.22
CA PHE A 129 2.40 24.98 15.97
C PHE A 129 2.01 25.79 17.22
N GLY A 130 1.89 27.11 17.06
CA GLY A 130 1.51 28.04 18.12
C GLY A 130 2.54 28.29 19.20
N THR A 131 3.81 27.86 18.99
CA THR A 131 4.89 28.06 19.95
C THR A 131 6.10 28.60 19.20
N GLU A 132 7.18 28.86 19.93
CA GLU A 132 8.47 29.28 19.37
C GLU A 132 9.43 28.11 19.52
N ARG A 133 8.93 26.99 20.09
CA ARG A 133 9.70 25.76 20.32
C ARG A 133 10.00 25.06 18.99
N ALA A 134 11.28 24.78 18.78
CA ALA A 134 11.80 24.10 17.60
C ALA A 134 12.06 22.65 17.98
N LEU A 135 11.93 21.75 17.01
CA LEU A 135 12.12 20.32 17.22
C LEU A 135 12.73 19.71 15.98
N ALA A 136 13.71 18.83 16.17
CA ALA A 136 14.33 18.14 15.06
C ALA A 136 13.57 16.83 14.84
N CYS A 137 13.00 16.68 13.64
CA CYS A 137 12.28 15.46 13.26
C CYS A 137 12.63 15.13 11.80
N PRO A 138 13.95 14.92 11.49
CA PRO A 138 14.33 14.61 10.11
C PRO A 138 14.08 13.15 9.76
N GLY A 139 14.30 12.80 8.50
CA GLY A 139 14.21 11.42 8.04
C GLY A 139 12.80 10.99 7.74
N GLY A 140 12.62 9.69 7.59
CA GLY A 140 11.33 9.14 7.24
C GLY A 140 11.05 9.41 5.77
N TRP A 141 9.78 9.31 5.38
CA TRP A 141 9.40 9.40 3.97
C TRP A 141 8.50 10.56 3.66
N HIS A 142 8.69 11.15 2.47
CA HIS A 142 7.71 12.11 1.95
C HIS A 142 6.49 11.20 1.71
N ASP A 143 5.35 11.63 2.17
CA ASP A 143 4.13 10.85 2.10
C ASP A 143 3.79 10.37 0.71
N ALA A 144 3.87 11.24 -0.29
CA ALA A 144 3.28 10.94 -1.58
C ALA A 144 3.86 11.79 -2.72
N GLY A 145 3.00 12.54 -3.40
CA GLY A 145 3.40 13.47 -4.45
C GLY A 145 3.84 14.80 -3.83
N ASP A 146 3.55 15.00 -2.54
CA ASP A 146 3.96 16.18 -1.76
C ASP A 146 5.09 15.78 -0.78
N TYR A 147 5.59 16.73 -0.01
CA TYR A 147 6.69 16.51 0.89
C TYR A 147 6.36 16.39 2.36
N GLY A 148 5.09 16.46 2.72
CA GLY A 148 4.68 16.31 4.12
C GLY A 148 4.92 14.91 4.67
N LYS A 149 5.08 14.80 5.98
CA LYS A 149 5.30 13.51 6.67
C LYS A 149 4.26 13.44 7.72
N TYR A 150 3.31 12.55 7.49
CA TYR A 150 2.09 12.42 8.28
C TYR A 150 2.10 11.10 9.02
N THR A 151 1.90 11.18 10.33
CA THR A 151 1.94 10.03 11.25
C THR A 151 0.95 8.92 10.92
N VAL A 152 -0.33 9.28 10.78
CA VAL A 152 -1.40 8.32 10.58
C VAL A 152 -1.10 7.43 9.37
N PRO A 153 -0.95 7.95 8.12
CA PRO A 153 -0.61 7.04 6.97
C PRO A 153 0.74 6.33 7.09
N ALA A 154 1.70 6.95 7.79
CA ALA A 154 3.01 6.35 8.05
C ALA A 154 2.88 5.02 8.83
N ALA A 155 1.96 4.97 9.82
CA ALA A 155 1.69 3.76 10.62
C ALA A 155 1.24 2.60 9.72
N LYS A 156 0.32 2.85 8.76
CA LYS A 156 -0.14 1.84 7.81
C LYS A 156 1.04 1.33 6.94
N ALA A 157 1.82 2.28 6.34
CA ALA A 157 2.94 1.89 5.48
C ALA A 157 3.93 1.00 6.23
N VAL A 158 4.25 1.34 7.49
CA VAL A 158 5.15 0.55 8.34
C VAL A 158 4.51 -0.80 8.66
N ALA A 159 3.23 -0.81 9.08
CA ALA A 159 2.59 -2.09 9.44
C ALA A 159 2.55 -3.03 8.26
N ASP A 160 2.28 -2.51 7.05
CA ASP A 160 2.23 -3.34 5.83
C ASP A 160 3.56 -3.99 5.50
N LEU A 161 4.65 -3.22 5.67
CA LEU A 161 5.99 -3.72 5.42
C LEU A 161 6.41 -4.76 6.45
N LEU A 162 6.04 -4.55 7.72
CA LEU A 162 6.36 -5.49 8.81
C LEU A 162 5.60 -6.79 8.57
N LEU A 163 4.29 -6.68 8.24
CA LEU A 163 3.47 -7.84 7.90
C LEU A 163 4.04 -8.60 6.71
N ALA A 164 4.53 -7.90 5.65
CA ALA A 164 5.12 -8.55 4.46
C ALA A 164 6.36 -9.30 4.88
N HIS A 165 7.17 -8.70 5.80
CA HIS A 165 8.36 -9.39 6.31
C HIS A 165 7.97 -10.64 7.13
N GLU A 166 6.94 -10.52 7.98
CA GLU A 166 6.47 -11.61 8.82
C GLU A 166 5.89 -12.75 7.96
N TYR A 167 5.17 -12.41 6.90
CA TYR A 167 4.51 -13.42 6.08
C TYR A 167 5.35 -14.00 5.00
N PHE A 168 6.06 -13.16 4.24
CA PHE A 168 6.78 -13.59 3.03
C PHE A 168 8.29 -13.21 3.04
N PRO A 169 9.08 -13.58 4.08
CA PRO A 169 10.49 -13.16 4.11
C PRO A 169 11.35 -13.73 3.00
N ALA A 170 11.03 -14.93 2.49
CA ALA A 170 11.78 -15.58 1.41
C ALA A 170 11.62 -14.83 0.07
N ALA A 171 10.41 -14.32 -0.22
CA ALA A 171 10.17 -13.56 -1.46
C ALA A 171 10.96 -12.25 -1.36
N LEU A 172 10.90 -11.62 -0.18
CA LEU A 172 11.55 -10.35 0.08
C LEU A 172 13.06 -10.45 0.08
N ALA A 173 13.63 -11.65 0.40
CA ALA A 173 15.08 -11.85 0.39
C ALA A 173 15.69 -11.67 -1.02
N HIS A 174 14.91 -11.85 -2.09
CA HIS A 174 15.39 -11.71 -3.46
C HIS A 174 15.41 -10.29 -4.02
N VAL A 175 15.04 -9.28 -3.20
CA VAL A 175 15.03 -7.91 -3.67
C VAL A 175 16.05 -7.04 -2.94
N ARG A 176 16.52 -5.99 -3.61
CA ARG A 176 17.52 -5.14 -3.03
C ARG A 176 17.02 -3.70 -2.99
N PRO A 177 16.96 -3.09 -1.77
CA PRO A 177 16.57 -1.66 -1.68
C PRO A 177 17.82 -0.82 -1.91
N MET A 178 17.79 0.49 -1.59
CA MET A 178 18.97 1.35 -1.76
C MET A 178 19.85 1.05 -0.56
N ARG A 179 20.46 -0.15 -0.55
CA ARG A 179 21.26 -0.68 0.56
C ARG A 179 22.30 0.30 1.11
N SER A 180 23.03 1.03 0.23
CA SER A 180 24.08 1.96 0.68
C SER A 180 23.63 3.24 1.40
N VAL A 181 22.32 3.55 1.36
CA VAL A 181 21.82 4.70 2.12
C VAL A 181 21.39 4.26 3.54
N HIS A 182 21.39 2.96 3.81
CA HIS A 182 20.98 2.40 5.10
C HIS A 182 22.20 1.92 5.90
N ARG A 183 22.12 2.03 7.23
CA ARG A 183 23.14 1.60 8.20
C ARG A 183 23.44 0.10 8.13
N ALA A 184 24.72 -0.25 8.35
CA ALA A 184 25.25 -1.61 8.41
C ALA A 184 25.35 -2.01 9.90
N PRO A 185 25.14 -3.29 10.33
CA PRO A 185 24.78 -4.47 9.53
C PRO A 185 23.41 -4.32 8.84
N HIS A 186 23.31 -4.83 7.63
CA HIS A 186 22.10 -4.72 6.85
C HIS A 186 21.08 -5.76 7.29
N LEU A 187 19.86 -5.30 7.54
CA LEU A 187 18.70 -6.09 7.95
C LEU A 187 18.02 -6.71 6.72
N PRO A 188 17.09 -7.70 6.87
CA PRO A 188 16.33 -8.17 5.70
C PRO A 188 15.68 -6.98 4.97
N PRO A 189 15.47 -7.04 3.64
CA PRO A 189 15.00 -5.86 2.87
C PRO A 189 13.83 -5.01 3.36
N ALA A 190 12.71 -5.62 3.77
CA ALA A 190 11.54 -4.84 4.22
C ALA A 190 11.83 -4.14 5.56
N LEU A 191 12.64 -4.80 6.41
CA LEU A 191 13.01 -4.28 7.71
C LEU A 191 13.99 -3.16 7.61
N GLU A 192 14.90 -3.25 6.64
CA GLU A 192 15.90 -2.22 6.39
C GLU A 192 15.20 -0.94 5.89
N VAL A 193 14.26 -1.11 5.00
CA VAL A 193 13.49 -0.01 4.42
C VAL A 193 12.60 0.64 5.49
N ALA A 194 11.80 -0.16 6.24
CA ALA A 194 10.86 0.35 7.26
C ALA A 194 11.54 1.02 8.45
N ARG A 195 12.78 0.62 8.77
CA ARG A 195 13.50 1.21 9.91
C ARG A 195 13.66 2.74 9.78
N GLU A 196 13.83 3.24 8.55
CA GLU A 196 13.96 4.68 8.29
C GLU A 196 12.68 5.40 8.75
N GLU A 197 11.52 4.80 8.49
CA GLU A 197 10.23 5.40 8.91
C GLU A 197 10.03 5.25 10.39
N ILE A 198 10.37 4.08 10.94
CA ILE A 198 10.26 3.86 12.38
C ILE A 198 11.14 4.88 13.13
N ALA A 199 12.39 5.10 12.69
CA ALA A 199 13.27 6.07 13.37
C ALA A 199 12.66 7.47 13.36
N TRP A 200 12.09 7.89 12.20
CA TRP A 200 11.44 9.20 12.13
C TRP A 200 10.22 9.27 13.06
N LEU A 201 9.36 8.22 13.05
CA LEU A 201 8.19 8.19 13.90
C LEU A 201 8.55 8.41 15.37
N LEU A 202 9.65 7.82 15.82
CA LEU A 202 10.10 7.99 17.20
C LEU A 202 10.33 9.47 17.55
N THR A 203 10.81 10.27 16.59
CA THR A 203 11.06 11.71 16.80
C THR A 203 9.76 12.53 16.83
N MET A 204 8.62 11.93 16.45
CA MET A 204 7.34 12.61 16.44
C MET A 204 6.63 12.57 17.78
N GLN A 205 7.18 11.80 18.73
CA GLN A 205 6.55 11.68 20.03
C GLN A 205 7.06 12.78 20.98
N ASP A 206 6.14 13.48 21.63
CA ASP A 206 6.44 14.54 22.59
C ASP A 206 7.04 13.87 23.85
N PRO A 207 8.30 14.17 24.21
CA PRO A 207 8.91 13.52 25.40
C PRO A 207 8.16 13.77 26.71
N ALA A 208 7.57 14.95 26.85
CA ALA A 208 6.84 15.38 28.05
C ALA A 208 5.56 14.58 28.33
N THR A 209 4.68 14.39 27.31
CA THR A 209 3.37 13.76 27.49
C THR A 209 3.16 12.36 26.92
N GLY A 210 3.99 11.96 25.97
CA GLY A 210 3.82 10.68 25.27
C GLY A 210 2.93 10.81 24.02
N GLY A 211 2.35 12.00 23.81
CA GLY A 211 1.53 12.29 22.64
C GLY A 211 2.35 12.39 21.38
N VAL A 212 1.74 12.15 20.21
CA VAL A 212 2.47 12.17 18.94
C VAL A 212 1.90 13.25 18.06
N TYR A 213 2.77 14.08 17.47
CA TYR A 213 2.34 15.16 16.55
C TYR A 213 1.72 14.54 15.29
N HIS A 214 0.64 15.12 14.82
CA HIS A 214 -0.14 14.57 13.71
C HIS A 214 0.64 14.50 12.42
N LYS A 215 1.52 15.51 12.19
CA LYS A 215 2.32 15.64 10.96
C LYS A 215 3.31 16.79 11.07
N VAL A 216 4.29 16.77 10.18
CA VAL A 216 5.30 17.80 9.95
C VAL A 216 5.26 18.17 8.47
N THR A 217 4.87 19.40 8.20
CA THR A 217 4.77 19.83 6.81
C THR A 217 5.12 21.31 6.71
N THR A 218 5.27 21.82 5.47
CA THR A 218 5.39 23.26 5.25
C THR A 218 3.93 23.78 5.45
N PRO A 219 3.69 25.10 5.68
CA PRO A 219 2.30 25.55 5.88
C PRO A 219 1.37 25.22 4.70
N SER A 220 1.89 25.25 3.49
CA SER A 220 1.07 24.95 2.30
C SER A 220 1.84 24.07 1.34
N PHE A 221 1.13 23.51 0.35
CA PHE A 221 1.73 22.72 -0.69
C PHE A 221 2.55 23.62 -1.62
N PRO A 222 3.79 23.23 -1.94
CA PRO A 222 4.59 24.04 -2.86
C PRO A 222 4.14 23.77 -4.31
N PRO A 223 4.59 24.55 -5.32
CA PRO A 223 4.20 24.23 -6.70
C PRO A 223 4.60 22.81 -7.07
N LEU A 224 3.83 22.19 -7.98
CA LEU A 224 4.05 20.83 -8.49
C LEU A 224 5.46 20.67 -9.10
N ASP A 225 5.99 21.79 -9.58
CA ASP A 225 7.30 21.93 -10.22
C ASP A 225 8.46 22.14 -9.19
N THR A 226 8.30 21.71 -7.93
CA THR A 226 9.34 21.91 -6.91
C THR A 226 10.20 20.65 -6.62
N ARG A 227 11.53 20.80 -6.72
CA ARG A 227 12.51 19.76 -6.41
C ARG A 227 12.54 19.61 -4.88
N PRO A 228 12.79 18.41 -4.33
CA PRO A 228 12.77 18.28 -2.85
C PRO A 228 13.72 19.24 -2.11
N GLU A 229 14.93 19.45 -2.65
CA GLU A 229 15.94 20.31 -2.04
C GLU A 229 15.73 21.81 -2.26
N ASP A 230 14.76 22.19 -3.09
CA ASP A 230 14.43 23.60 -3.33
C ASP A 230 13.22 23.99 -2.50
N ASP A 231 12.64 23.05 -1.74
CA ASP A 231 11.48 23.32 -0.90
C ASP A 231 11.96 23.86 0.46
N ASP A 232 12.19 25.19 0.52
CA ASP A 232 12.78 25.87 1.68
C ASP A 232 11.80 26.54 2.63
N ALA A 233 10.47 26.37 2.41
CA ALA A 233 9.47 26.95 3.30
C ALA A 233 9.66 26.39 4.73
N PRO A 234 9.40 27.17 5.80
CA PRO A 234 9.61 26.63 7.16
C PRO A 234 8.71 25.41 7.47
N LEU A 235 9.22 24.45 8.24
CA LEU A 235 8.51 23.23 8.60
C LEU A 235 7.71 23.47 9.88
N VAL A 236 6.46 22.96 9.92
CA VAL A 236 5.61 23.13 11.09
C VAL A 236 5.10 21.77 11.57
N LEU A 237 5.19 21.53 12.90
CA LEU A 237 4.63 20.35 13.53
C LEU A 237 3.21 20.70 13.92
N SER A 238 2.23 20.07 13.29
CA SER A 238 0.82 20.27 13.63
C SER A 238 0.59 19.62 15.00
N PRO A 239 -0.45 20.04 15.74
CA PRO A 239 -0.62 19.54 17.12
C PRO A 239 -0.70 18.02 17.25
N ILE A 240 -0.43 17.54 18.47
CA ILE A 240 -0.56 16.14 18.86
C ILE A 240 -2.03 15.76 18.60
N SER A 241 -2.28 14.52 18.14
CA SER A 241 -3.64 14.09 17.90
C SER A 241 -3.82 12.70 18.46
N TYR A 242 -5.07 12.37 18.77
CA TYR A 242 -5.41 11.05 19.27
C TYR A 242 -5.09 10.00 18.18
N ALA A 243 -5.53 10.25 16.91
CA ALA A 243 -5.31 9.29 15.82
C ALA A 243 -3.82 9.02 15.64
N ALA A 244 -3.00 10.06 15.65
CA ALA A 244 -1.55 9.95 15.50
C ALA A 244 -0.94 9.16 16.63
N THR A 245 -1.31 9.48 17.87
CA THR A 245 -0.78 8.79 19.05
C THR A 245 -1.17 7.33 19.03
N ALA A 246 -2.42 7.02 18.66
CA ALA A 246 -2.89 5.63 18.64
C ALA A 246 -2.27 4.81 17.50
N THR A 247 -2.16 5.38 16.29
CA THR A 247 -1.57 4.63 15.15
C THR A 247 -0.05 4.45 15.38
N PHE A 248 0.59 5.43 16.01
CA PHE A 248 2.01 5.36 16.36
C PHE A 248 2.16 4.24 17.37
N CYS A 249 1.27 4.19 18.39
CA CYS A 249 1.35 3.16 19.43
C CYS A 249 1.34 1.77 18.80
N ALA A 250 0.32 1.51 17.95
CA ALA A 250 0.19 0.23 17.29
C ALA A 250 1.40 -0.11 16.39
N ALA A 251 1.89 0.84 15.57
CA ALA A 251 3.04 0.59 14.69
C ALA A 251 4.33 0.32 15.49
N MET A 252 4.53 1.03 16.61
CA MET A 252 5.71 0.87 17.49
C MET A 252 5.66 -0.46 18.22
N ALA A 253 4.48 -0.87 18.72
CA ALA A 253 4.34 -2.17 19.40
C ALA A 253 4.61 -3.31 18.38
N HIS A 254 4.13 -3.15 17.14
CA HIS A 254 4.35 -4.12 16.07
C HIS A 254 5.85 -4.15 15.73
N ALA A 255 6.49 -2.99 15.54
CA ALA A 255 7.92 -2.94 15.29
C ALA A 255 8.73 -3.52 16.49
N ALA A 256 8.29 -3.32 17.74
CA ALA A 256 9.04 -3.87 18.89
C ALA A 256 9.13 -5.40 18.79
N LEU A 257 8.02 -6.05 18.39
CA LEU A 257 8.00 -7.49 18.20
C LEU A 257 8.89 -7.94 17.04
N VAL A 258 8.68 -7.37 15.85
CA VAL A 258 9.38 -7.78 14.63
C VAL A 258 10.88 -7.52 14.69
N TYR A 259 11.32 -6.40 15.27
CA TYR A 259 12.76 -6.10 15.36
C TYR A 259 13.51 -6.81 16.50
N ARG A 260 12.81 -7.48 17.42
CA ARG A 260 13.43 -8.14 18.58
C ARG A 260 14.68 -8.97 18.21
N PRO A 261 14.65 -9.93 17.23
CA PRO A 261 15.90 -10.64 16.88
C PRO A 261 16.90 -9.90 15.95
N PHE A 262 16.53 -8.71 15.43
CA PHE A 262 17.39 -7.96 14.48
C PHE A 262 18.04 -6.71 15.03
N ASP A 263 17.28 -5.86 15.76
CA ASP A 263 17.77 -4.61 16.33
C ASP A 263 17.22 -4.51 17.73
N PRO A 264 17.85 -5.20 18.71
CA PRO A 264 17.35 -5.16 20.10
C PRO A 264 17.09 -3.78 20.69
N ALA A 265 17.98 -2.80 20.41
CA ALA A 265 17.90 -1.45 20.95
C ALA A 265 16.65 -0.72 20.39
N LEU A 266 16.44 -0.86 19.07
CA LEU A 266 15.28 -0.26 18.40
C LEU A 266 14.00 -0.88 18.97
N SER A 267 13.98 -2.22 19.06
CA SER A 267 12.85 -2.98 19.60
C SER A 267 12.46 -2.46 21.02
N SER A 268 13.44 -2.37 21.94
CA SER A 268 13.22 -1.89 23.30
C SER A 268 12.69 -0.43 23.31
N CYS A 269 13.30 0.41 22.48
CA CYS A 269 12.92 1.81 22.31
C CYS A 269 11.47 1.95 21.80
N CYS A 270 11.08 1.17 20.76
CA CYS A 270 9.72 1.15 20.21
C CYS A 270 8.71 0.69 21.24
N ALA A 271 9.06 -0.36 22.04
CA ALA A 271 8.19 -0.89 23.10
C ALA A 271 7.91 0.19 24.15
N ASP A 272 8.94 0.94 24.58
CA ASP A 272 8.80 2.01 25.60
C ASP A 272 7.94 3.18 25.06
N ALA A 273 8.21 3.54 23.80
CA ALA A 273 7.48 4.58 23.08
C ALA A 273 6.00 4.20 22.95
N ALA A 274 5.68 2.91 22.61
CA ALA A 274 4.29 2.43 22.47
C ALA A 274 3.50 2.55 23.80
N ARG A 275 4.14 2.16 24.92
CA ARG A 275 3.56 2.27 26.27
C ARG A 275 3.28 3.71 26.68
N ARG A 276 4.24 4.64 26.44
CA ARG A 276 4.03 6.06 26.78
C ARG A 276 2.89 6.63 25.94
N ALA A 277 2.78 6.19 24.67
CA ALA A 277 1.71 6.63 23.80
C ALA A 277 0.37 6.10 24.29
N TYR A 278 0.33 4.82 24.73
CA TYR A 278 -0.89 4.26 25.28
C TYR A 278 -1.33 5.02 26.54
N ALA A 279 -0.37 5.43 27.41
CA ALA A 279 -0.67 6.22 28.62
C ALA A 279 -1.29 7.58 28.19
N TRP A 280 -0.79 8.18 27.09
CA TRP A 280 -1.38 9.42 26.58
C TRP A 280 -2.85 9.18 26.19
N LEU A 281 -3.15 8.05 25.48
CA LEU A 281 -4.52 7.69 25.07
C LEU A 281 -5.51 7.59 26.24
N GLY A 282 -5.06 7.03 27.36
CA GLY A 282 -5.91 6.86 28.54
C GLY A 282 -6.25 8.14 29.29
N ALA A 283 -5.46 9.21 29.06
CA ALA A 283 -5.60 10.50 29.75
C ALA A 283 -6.22 11.61 28.85
N HIS A 284 -6.50 11.29 27.58
CA HIS A 284 -7.03 12.31 26.68
C HIS A 284 -8.27 11.84 25.93
N GLU A 285 -9.07 12.81 25.48
CA GLU A 285 -10.33 12.61 24.77
C GLU A 285 -10.10 12.22 23.32
N MET A 286 -11.03 11.47 22.74
CA MET A 286 -10.98 11.03 21.34
C MET A 286 -11.39 12.21 20.45
N GLN A 287 -10.50 13.20 20.33
CA GLN A 287 -10.78 14.39 19.54
C GLN A 287 -10.27 14.24 18.11
N PRO A 288 -11.17 14.38 17.09
CA PRO A 288 -10.71 14.32 15.69
C PRO A 288 -9.74 15.43 15.36
N PHE A 289 -8.78 15.15 14.46
CA PHE A 289 -7.81 16.18 14.05
C PHE A 289 -8.41 17.05 12.95
N HIS A 290 -8.11 18.35 13.03
CA HIS A 290 -8.48 19.30 11.99
C HIS A 290 -7.26 20.17 11.79
N ASN A 291 -7.02 20.59 10.55
CA ASN A 291 -5.91 21.47 10.24
C ASN A 291 -6.03 22.75 11.03
N PRO A 292 -4.95 23.20 11.72
CA PRO A 292 -5.02 24.50 12.39
C PRO A 292 -4.99 25.59 11.32
N ASP A 293 -5.31 26.84 11.71
CA ASP A 293 -5.29 27.99 10.79
C ASP A 293 -3.92 28.17 10.22
N GLY A 294 -3.83 28.41 8.92
CA GLY A 294 -2.56 28.63 8.26
C GLY A 294 -1.89 27.37 7.76
N ILE A 295 -2.46 26.18 8.09
CA ILE A 295 -1.95 24.88 7.65
C ILE A 295 -2.91 24.32 6.60
N LEU A 296 -2.44 24.22 5.35
CA LEU A 296 -3.25 23.80 4.22
C LEU A 296 -2.86 22.44 3.62
N THR A 297 -1.94 21.74 4.26
CA THR A 297 -1.48 20.44 3.77
C THR A 297 -2.46 19.31 4.14
N GLY A 298 -2.16 18.08 3.71
CA GLY A 298 -3.01 16.91 3.93
C GLY A 298 -3.53 16.81 5.35
N GLU A 299 -4.85 16.81 5.52
CA GLU A 299 -5.41 16.76 6.86
C GLU A 299 -5.35 15.40 7.53
N TYR A 300 -5.65 14.31 6.78
CA TYR A 300 -5.75 12.95 7.32
C TYR A 300 -6.63 12.97 8.56
N GLY A 301 -7.78 13.63 8.43
CA GLY A 301 -8.78 13.72 9.47
C GLY A 301 -9.55 12.42 9.53
N ASP A 302 -10.32 12.22 10.60
CA ASP A 302 -11.10 11.00 10.82
C ASP A 302 -11.93 11.22 12.07
N ALA A 303 -13.27 11.09 12.00
CA ALA A 303 -14.14 11.30 13.16
C ALA A 303 -14.22 10.08 14.06
N GLU A 304 -13.90 8.88 13.51
CA GLU A 304 -14.00 7.61 14.23
C GLU A 304 -12.64 7.13 14.70
N LEU A 305 -12.45 7.11 16.03
CA LEU A 305 -11.17 6.78 16.63
C LEU A 305 -11.13 5.49 17.45
N ARG A 306 -12.25 4.75 17.53
CA ARG A 306 -12.26 3.50 18.31
C ARG A 306 -11.45 2.41 17.65
N ASP A 307 -11.41 2.42 16.30
CA ASP A 307 -10.64 1.45 15.53
C ASP A 307 -9.13 1.62 15.78
N GLU A 308 -8.65 2.89 15.91
CA GLU A 308 -7.26 3.21 16.23
C GLU A 308 -6.94 2.67 17.63
N LEU A 309 -7.82 2.93 18.63
CA LEU A 309 -7.63 2.43 19.99
C LEU A 309 -7.62 0.88 19.97
N LEU A 310 -8.49 0.28 19.17
CA LEU A 310 -8.56 -1.17 19.03
C LEU A 310 -7.22 -1.71 18.53
N TRP A 311 -6.67 -1.12 17.47
CA TRP A 311 -5.39 -1.53 16.92
C TRP A 311 -4.26 -1.34 17.95
N ALA A 312 -4.21 -0.18 18.60
CA ALA A 312 -3.20 0.09 19.62
C ALA A 312 -3.30 -0.97 20.77
N SER A 313 -4.53 -1.28 21.23
CA SER A 313 -4.73 -2.23 22.35
C SER A 313 -4.32 -3.66 21.97
N CYS A 314 -4.68 -4.08 20.73
CA CYS A 314 -4.38 -5.42 20.22
C CYS A 314 -2.94 -5.59 19.94
N ALA A 315 -2.27 -4.51 19.47
CA ALA A 315 -0.83 -4.55 19.17
C ALA A 315 -0.05 -4.77 20.46
N LEU A 316 -0.44 -4.10 21.56
CA LEU A 316 0.24 -4.26 22.85
C LEU A 316 -0.10 -5.62 23.47
N LEU A 317 -1.34 -6.12 23.19
CA LEU A 317 -1.71 -7.45 23.65
C LEU A 317 -0.71 -8.46 23.08
N ARG A 318 -0.48 -8.45 21.75
CA ARG A 318 0.45 -9.37 21.11
C ARG A 318 1.90 -9.08 21.50
N MET A 319 2.26 -7.79 21.63
CA MET A 319 3.62 -7.43 22.03
C MET A 319 4.02 -8.03 23.39
N THR A 320 3.12 -7.94 24.37
CA THR A 320 3.34 -8.38 25.75
C THR A 320 2.91 -9.81 26.01
N GLY A 321 1.90 -10.29 25.27
CA GLY A 321 1.33 -11.63 25.49
C GLY A 321 0.59 -11.65 26.82
N ASP A 322 0.26 -10.45 27.34
CA ASP A 322 -0.40 -10.27 28.64
C ASP A 322 -1.91 -10.28 28.50
N SER A 323 -2.57 -11.29 29.09
CA SER A 323 -4.04 -11.47 29.08
C SER A 323 -4.81 -10.26 29.61
N ALA A 324 -4.12 -9.39 30.41
CA ALA A 324 -4.70 -8.16 30.95
C ALA A 324 -5.19 -7.24 29.83
N TRP A 325 -4.46 -7.20 28.67
CA TRP A 325 -4.86 -6.37 27.52
C TRP A 325 -6.18 -6.81 26.88
N ALA A 326 -6.48 -8.12 26.84
CA ALA A 326 -7.73 -8.66 26.25
C ALA A 326 -9.00 -8.04 26.86
N ARG A 327 -8.93 -7.51 28.11
CA ARG A 327 -10.04 -6.85 28.78
C ARG A 327 -10.46 -5.59 28.02
N VAL A 328 -9.50 -4.90 27.37
CA VAL A 328 -9.80 -3.70 26.59
C VAL A 328 -10.09 -4.06 25.13
N CYS A 329 -9.36 -5.03 24.56
CA CYS A 329 -9.49 -5.44 23.16
C CYS A 329 -10.87 -5.98 22.85
N GLU A 330 -11.29 -6.99 23.63
CA GLU A 330 -12.53 -7.73 23.40
C GLU A 330 -13.81 -6.91 23.27
N PRO A 331 -14.08 -5.92 24.14
CA PRO A 331 -15.27 -5.06 23.93
C PRO A 331 -15.15 -4.26 22.64
N LEU A 332 -13.92 -3.79 22.26
CA LEU A 332 -13.71 -3.06 21.01
C LEU A 332 -13.90 -3.97 19.81
N LEU A 333 -13.55 -5.27 19.96
CA LEU A 333 -13.72 -6.25 18.87
C LEU A 333 -15.18 -6.54 18.54
N ASP A 334 -16.07 -6.26 19.49
CA ASP A 334 -17.49 -6.46 19.38
C ASP A 334 -18.21 -5.35 18.60
N LEU A 335 -17.59 -4.15 18.49
CA LEU A 335 -18.21 -3.00 17.81
C LEU A 335 -18.42 -3.25 16.31
N ASP A 336 -19.48 -2.61 15.73
CA ASP A 336 -19.76 -2.65 14.29
C ASP A 336 -18.83 -1.74 13.47
N LEU A 337 -17.56 -1.68 13.85
CA LEU A 337 -16.58 -0.94 13.09
C LEU A 337 -16.26 -1.70 11.78
N PRO A 338 -16.03 -1.01 10.63
CA PRO A 338 -15.61 -1.75 9.42
C PRO A 338 -14.22 -2.35 9.69
N TRP A 339 -13.99 -3.57 9.24
CA TRP A 339 -12.74 -4.27 9.50
C TRP A 339 -11.84 -4.09 8.29
N GLU A 340 -11.19 -2.93 8.23
CA GLU A 340 -10.37 -2.52 7.11
C GLU A 340 -8.91 -2.31 7.48
N LEU A 341 -8.09 -2.08 6.46
CA LEU A 341 -6.66 -1.94 6.57
C LEU A 341 -6.19 -0.52 6.28
N GLY A 342 -6.97 0.45 6.75
CA GLY A 342 -6.61 1.86 6.70
C GLY A 342 -6.81 2.60 5.40
N TRP A 343 -6.31 3.84 5.28
CA TRP A 343 -5.54 4.56 6.31
C TRP A 343 -6.38 5.04 7.50
N ALA A 344 -7.69 5.30 7.29
CA ALA A 344 -8.60 5.84 8.30
C ALA A 344 -9.31 4.76 9.13
N ASP A 345 -9.69 3.66 8.52
CA ASP A 345 -10.39 2.57 9.20
C ASP A 345 -9.40 1.44 9.26
N VAL A 346 -8.83 1.24 10.45
CA VAL A 346 -7.71 0.33 10.71
C VAL A 346 -8.02 -0.90 11.57
N ALA A 347 -9.30 -1.13 11.94
CA ALA A 347 -9.70 -2.23 12.84
C ALA A 347 -9.10 -3.60 12.45
N LEU A 348 -9.03 -3.94 11.14
CA LEU A 348 -8.47 -5.25 10.74
C LEU A 348 -7.02 -5.45 11.21
N TYR A 349 -6.22 -4.37 11.33
CA TYR A 349 -4.86 -4.56 11.88
C TYR A 349 -4.95 -5.08 13.34
N GLY A 350 -5.88 -4.53 14.11
CA GLY A 350 -6.09 -4.97 15.49
C GLY A 350 -6.65 -6.39 15.55
N VAL A 351 -7.60 -6.71 14.66
CA VAL A 351 -8.17 -8.07 14.59
C VAL A 351 -7.03 -9.08 14.38
N MET A 352 -6.08 -8.75 13.48
CA MET A 352 -4.95 -9.62 13.14
C MET A 352 -3.99 -9.79 14.30
N ASP A 353 -3.64 -8.70 14.99
CA ASP A 353 -2.78 -8.79 16.16
C ASP A 353 -3.48 -9.63 17.25
N TYR A 354 -4.80 -9.45 17.40
CA TYR A 354 -5.55 -10.21 18.39
C TYR A 354 -5.50 -11.72 18.07
N LEU A 355 -5.79 -12.07 16.80
CA LEU A 355 -5.84 -13.46 16.35
C LEU A 355 -4.47 -14.12 16.31
N ARG A 356 -3.39 -13.31 16.24
CA ARG A 356 -2.02 -13.81 16.23
C ARG A 356 -1.41 -13.86 17.66
N THR A 357 -2.20 -13.52 18.68
CA THR A 357 -1.73 -13.58 20.07
C THR A 357 -1.90 -15.06 20.54
N PRO A 358 -1.01 -15.65 21.37
CA PRO A 358 -1.27 -17.04 21.86
C PRO A 358 -2.69 -17.10 22.46
N ARG A 359 -3.44 -18.15 22.09
CA ARG A 359 -4.82 -18.46 22.48
C ARG A 359 -5.06 -18.39 24.00
N ALA A 360 -4.11 -18.84 24.81
CA ALA A 360 -4.25 -18.84 26.28
C ALA A 360 -4.48 -17.44 26.89
N ALA A 361 -4.03 -16.36 26.20
CA ALA A 361 -4.15 -14.99 26.67
C ALA A 361 -5.49 -14.33 26.32
N VAL A 362 -6.34 -14.97 25.48
CA VAL A 362 -7.63 -14.35 25.07
C VAL A 362 -8.86 -15.25 25.36
N SER A 363 -10.09 -14.67 25.39
CA SER A 363 -11.34 -15.44 25.54
C SER A 363 -11.60 -16.25 24.28
N ASP A 364 -11.67 -17.58 24.42
CA ASP A 364 -11.92 -18.52 23.34
C ASP A 364 -13.21 -18.21 22.59
N ASP A 365 -14.25 -17.86 23.34
CA ASP A 365 -15.58 -17.51 22.85
C ASP A 365 -15.48 -16.25 21.96
N VAL A 366 -14.75 -15.21 22.42
CA VAL A 366 -14.56 -13.97 21.65
C VAL A 366 -13.77 -14.31 20.40
N ARG A 367 -12.66 -15.07 20.56
CA ARG A 367 -11.80 -15.48 19.45
C ARG A 367 -12.57 -16.17 18.32
N ASN A 368 -13.50 -17.10 18.66
CA ASN A 368 -14.32 -17.80 17.67
C ASN A 368 -15.29 -16.83 16.97
N LYS A 369 -15.82 -15.85 17.70
CA LYS A 369 -16.73 -14.84 17.14
C LYS A 369 -15.94 -13.94 16.17
N VAL A 370 -14.72 -13.56 16.55
CA VAL A 370 -13.85 -12.74 15.71
C VAL A 370 -13.53 -13.44 14.39
N LYS A 371 -13.12 -14.72 14.46
CA LYS A 371 -12.78 -15.54 13.30
C LYS A 371 -13.98 -15.74 12.40
N SER A 372 -15.18 -15.95 12.99
CA SER A 372 -16.40 -16.13 12.18
C SER A 372 -16.74 -14.84 11.42
N ARG A 373 -16.60 -13.66 12.07
CA ARG A 373 -16.92 -12.42 11.33
C ARG A 373 -15.94 -12.22 10.16
N LEU A 374 -14.63 -12.50 10.39
CA LEU A 374 -13.60 -12.41 9.35
C LEU A 374 -13.97 -13.31 8.18
N LEU A 375 -14.36 -14.57 8.44
CA LEU A 375 -14.80 -15.43 7.33
C LEU A 375 -16.01 -14.81 6.56
N ARG A 376 -17.02 -14.28 7.28
CA ARG A 376 -18.16 -13.67 6.62
C ARG A 376 -17.72 -12.48 5.74
N GLU A 377 -16.74 -11.68 6.22
CA GLU A 377 -16.20 -10.51 5.49
C GLU A 377 -15.54 -11.00 4.22
N LEU A 378 -14.71 -12.05 4.30
CA LEU A 378 -14.04 -12.59 3.11
C LEU A 378 -15.05 -13.20 2.14
N ASP A 379 -16.10 -13.86 2.65
CA ASP A 379 -17.15 -14.38 1.74
C ASP A 379 -17.79 -13.21 0.97
N ALA A 380 -18.03 -12.07 1.64
CA ALA A 380 -18.64 -10.92 0.96
C ALA A 380 -17.71 -10.34 -0.09
N LEU A 381 -16.39 -10.39 0.18
CA LEU A 381 -15.40 -9.93 -0.81
C LEU A 381 -15.35 -10.92 -1.96
N ALA A 382 -15.44 -12.23 -1.67
CA ALA A 382 -15.43 -13.29 -2.68
C ALA A 382 -16.60 -13.18 -3.64
N ALA A 383 -17.79 -12.85 -3.13
CA ALA A 383 -19.01 -12.62 -3.90
C ALA A 383 -18.84 -11.43 -4.86
N MET A 384 -18.19 -10.34 -4.40
CA MET A 384 -17.93 -9.17 -5.30
C MET A 384 -17.07 -9.63 -6.46
N ALA A 385 -16.01 -10.42 -6.16
CA ALA A 385 -15.02 -10.93 -7.11
C ALA A 385 -15.68 -11.86 -8.14
N GLU A 386 -16.61 -12.70 -7.70
CA GLU A 386 -17.41 -13.60 -8.56
C GLU A 386 -18.25 -12.83 -9.58
N SER A 387 -18.79 -11.66 -9.20
CA SER A 387 -19.61 -10.86 -10.10
C SER A 387 -18.80 -9.85 -10.94
N HIS A 388 -17.52 -9.64 -10.62
CA HIS A 388 -16.68 -8.69 -11.36
C HIS A 388 -16.09 -9.35 -12.63
N PRO A 389 -16.11 -8.69 -13.82
CA PRO A 389 -15.50 -9.32 -15.02
C PRO A 389 -14.00 -9.59 -14.90
N PHE A 390 -13.28 -8.79 -14.09
CA PHE A 390 -11.84 -8.94 -13.86
C PHE A 390 -11.53 -9.79 -12.61
N GLY A 391 -12.56 -10.32 -11.96
CA GLY A 391 -12.44 -11.17 -10.77
C GLY A 391 -11.84 -10.52 -9.53
N ILE A 392 -11.89 -9.19 -9.47
CA ILE A 392 -11.37 -8.41 -8.34
C ILE A 392 -12.49 -8.09 -7.34
N PRO A 393 -12.21 -8.07 -6.02
CA PRO A 393 -13.28 -7.85 -5.03
C PRO A 393 -13.63 -6.35 -4.97
N MET A 394 -14.24 -5.82 -6.02
CA MET A 394 -14.60 -4.40 -6.12
C MET A 394 -16.00 -4.26 -6.71
N ARG A 395 -16.73 -3.23 -6.29
CA ARG A 395 -18.03 -2.83 -6.86
C ARG A 395 -17.72 -1.45 -7.47
N ASP A 396 -18.61 -0.92 -8.35
CA ASP A 396 -18.38 0.41 -8.91
C ASP A 396 -18.25 1.48 -7.81
N ASP A 397 -19.00 1.33 -6.68
CA ASP A 397 -18.90 2.34 -5.61
C ASP A 397 -17.57 2.38 -4.82
N ASP A 398 -16.72 1.37 -5.00
CA ASP A 398 -15.40 1.26 -4.36
C ASP A 398 -14.29 1.99 -5.15
N PHE A 399 -14.61 2.46 -6.36
CA PHE A 399 -13.64 3.18 -7.20
C PHE A 399 -13.61 4.63 -6.81
N ILE A 400 -12.95 4.89 -5.66
CA ILE A 400 -12.79 6.18 -4.99
C ILE A 400 -11.33 6.58 -5.02
N TRP A 401 -10.99 7.65 -4.31
CA TRP A 401 -9.61 8.13 -4.21
C TRP A 401 -8.81 7.00 -3.58
N GLY A 402 -7.76 6.58 -4.26
CA GLY A 402 -6.90 5.47 -3.84
C GLY A 402 -7.59 4.13 -3.96
N SER A 403 -8.38 3.96 -5.06
CA SER A 403 -9.12 2.72 -5.34
C SER A 403 -8.14 1.52 -5.50
N ASN A 404 -6.89 1.77 -5.97
CA ASN A 404 -5.90 0.69 -6.05
C ASN A 404 -5.53 0.18 -4.66
N MET A 405 -5.50 1.07 -3.66
CA MET A 405 -5.20 0.67 -2.27
C MET A 405 -6.41 -0.10 -1.72
N VAL A 406 -7.63 0.35 -2.08
CA VAL A 406 -8.86 -0.35 -1.65
C VAL A 406 -8.77 -1.79 -2.15
N LEU A 407 -8.41 -1.98 -3.45
CA LEU A 407 -8.28 -3.31 -4.03
C LEU A 407 -7.20 -4.17 -3.34
N LEU A 408 -5.99 -3.61 -3.20
CA LEU A 408 -4.86 -4.31 -2.61
C LEU A 408 -5.05 -4.67 -1.17
N ASN A 409 -5.67 -3.77 -0.38
CA ASN A 409 -6.01 -4.03 1.02
C ASN A 409 -6.97 -5.21 1.08
N ARG A 410 -7.89 -5.30 0.14
CA ARG A 410 -8.83 -6.43 0.11
C ARG A 410 -8.14 -7.76 -0.20
N ALA A 411 -7.18 -7.74 -1.14
CA ALA A 411 -6.37 -8.95 -1.46
C ALA A 411 -5.54 -9.33 -0.23
N MET A 412 -4.96 -8.31 0.43
CA MET A 412 -4.16 -8.44 1.63
C MET A 412 -4.95 -9.15 2.76
N ALA A 413 -6.19 -8.71 3.01
CA ALA A 413 -7.07 -9.31 4.02
C ALA A 413 -7.20 -10.85 3.84
N PHE A 414 -7.44 -11.34 2.58
CA PHE A 414 -7.56 -12.77 2.27
C PHE A 414 -6.27 -13.51 2.68
N LEU A 415 -5.12 -12.92 2.32
CA LEU A 415 -3.79 -13.47 2.56
C LEU A 415 -3.40 -13.48 4.02
N LEU A 416 -3.74 -12.40 4.73
CA LEU A 416 -3.48 -12.30 6.18
C LEU A 416 -4.26 -13.37 6.91
N ALA A 417 -5.53 -13.57 6.54
CA ALA A 417 -6.45 -14.54 7.16
C ALA A 417 -5.87 -15.97 7.17
N GLU A 418 -5.06 -16.32 6.16
CA GLU A 418 -4.40 -17.63 6.04
C GLU A 418 -3.47 -17.94 7.20
N GLY A 419 -2.91 -16.89 7.84
CA GLY A 419 -2.01 -17.05 8.98
C GLY A 419 -2.72 -17.25 10.30
N VAL A 420 -4.08 -17.15 10.31
CA VAL A 420 -4.93 -17.24 11.51
C VAL A 420 -6.07 -18.28 11.41
N GLY A 421 -5.88 -19.30 10.59
CA GLY A 421 -6.83 -20.39 10.43
C GLY A 421 -8.06 -20.05 9.60
N VAL A 422 -8.07 -18.90 8.93
CA VAL A 422 -9.21 -18.55 8.09
C VAL A 422 -8.77 -18.71 6.63
N LEU A 423 -9.02 -19.89 6.10
CA LEU A 423 -8.55 -20.27 4.77
C LEU A 423 -9.67 -20.18 3.73
N HIS A 424 -9.82 -19.00 3.11
CA HIS A 424 -10.84 -18.86 2.10
C HIS A 424 -10.32 -19.41 0.75
N PRO A 425 -11.05 -20.30 0.04
CA PRO A 425 -10.55 -20.83 -1.26
C PRO A 425 -10.23 -19.79 -2.34
N ALA A 426 -10.90 -18.62 -2.30
CA ALA A 426 -10.67 -17.54 -3.26
C ALA A 426 -9.35 -16.76 -3.00
N ALA A 427 -8.73 -16.89 -1.81
CA ALA A 427 -7.54 -16.08 -1.45
C ALA A 427 -6.48 -15.85 -2.55
N HIS A 428 -5.94 -16.95 -3.11
CA HIS A 428 -4.90 -16.86 -4.13
C HIS A 428 -5.36 -16.37 -5.49
N THR A 429 -6.60 -16.70 -5.89
CA THR A 429 -7.17 -16.21 -7.14
C THR A 429 -7.32 -14.69 -7.02
N VAL A 430 -7.88 -14.21 -5.88
CA VAL A 430 -8.06 -12.77 -5.64
C VAL A 430 -6.71 -12.02 -5.73
N ALA A 431 -5.63 -12.56 -5.08
CA ALA A 431 -4.28 -11.92 -5.13
C ALA A 431 -3.78 -11.82 -6.56
N GLN A 432 -3.88 -12.92 -7.32
CA GLN A 432 -3.47 -12.92 -8.73
C GLN A 432 -4.29 -11.92 -9.51
N ARG A 433 -5.62 -11.89 -9.31
CA ARG A 433 -6.44 -10.94 -10.07
C ARG A 433 -6.12 -9.48 -9.75
N ALA A 434 -5.78 -9.19 -8.50
CA ALA A 434 -5.45 -7.84 -8.06
C ALA A 434 -4.18 -7.39 -8.78
N ALA A 435 -3.19 -8.31 -8.89
CA ALA A 435 -1.92 -8.01 -9.58
C ALA A 435 -2.20 -7.83 -11.08
N ASP A 436 -3.01 -8.73 -11.68
CA ASP A 436 -3.37 -8.66 -13.11
C ASP A 436 -4.00 -7.29 -13.39
N TYR A 437 -5.01 -6.90 -12.59
CA TYR A 437 -5.69 -5.61 -12.74
C TYR A 437 -4.68 -4.45 -12.60
N LEU A 438 -3.85 -4.48 -11.53
CA LEU A 438 -2.87 -3.40 -11.29
C LEU A 438 -1.88 -3.31 -12.47
N PHE A 439 -1.58 -4.45 -13.12
CA PHE A 439 -0.62 -4.46 -14.21
C PHE A 439 -1.19 -4.38 -15.64
N GLY A 440 -2.44 -3.92 -15.79
CA GLY A 440 -3.02 -3.73 -17.12
C GLY A 440 -4.34 -4.42 -17.43
N ALA A 441 -4.72 -5.45 -16.66
CA ALA A 441 -5.97 -6.18 -16.90
C ALA A 441 -7.16 -5.39 -16.33
N ASN A 442 -7.52 -4.34 -17.04
CA ASN A 442 -8.59 -3.42 -16.64
C ASN A 442 -9.13 -2.73 -17.92
N PRO A 443 -10.32 -2.09 -17.90
CA PRO A 443 -10.85 -1.41 -19.11
C PRO A 443 -9.97 -0.36 -19.79
N LEU A 444 -9.00 0.22 -19.08
CA LEU A 444 -8.11 1.19 -19.72
C LEU A 444 -6.82 0.58 -20.29
N GLY A 445 -6.58 -0.70 -20.00
CA GLY A 445 -5.35 -1.40 -20.39
C GLY A 445 -4.15 -0.69 -19.77
N GLN A 446 -4.40 -0.09 -18.59
CA GLN A 446 -3.41 0.73 -17.92
C GLN A 446 -2.63 -0.03 -16.87
N CYS A 447 -1.29 0.00 -16.99
CA CYS A 447 -0.49 -0.55 -15.90
C CYS A 447 -0.41 0.61 -14.89
N TYR A 448 -0.90 0.38 -13.66
CA TYR A 448 -0.94 1.43 -12.64
C TYR A 448 0.36 1.65 -11.84
N VAL A 449 1.47 1.19 -12.39
CA VAL A 449 2.78 1.32 -11.74
C VAL A 449 3.71 2.02 -12.74
N THR A 450 4.46 3.04 -12.30
CA THR A 450 5.40 3.75 -13.18
C THR A 450 6.56 2.79 -13.53
N GLY A 451 7.10 2.92 -14.74
CA GLY A 451 8.23 2.13 -15.22
C GLY A 451 7.95 0.67 -15.55
N PHE A 452 6.68 0.24 -15.50
CA PHE A 452 6.42 -1.18 -15.80
C PHE A 452 5.30 -1.35 -16.80
N GLY A 453 5.30 -2.48 -17.49
CA GLY A 453 4.28 -2.82 -18.48
C GLY A 453 4.45 -2.17 -19.84
N GLN A 454 3.44 -2.35 -20.72
CA GLN A 454 3.44 -1.79 -22.08
C GLN A 454 2.76 -0.42 -22.10
N ARG A 455 1.86 -0.17 -21.13
CA ARG A 455 1.23 1.13 -20.96
C ARG A 455 1.51 1.57 -19.51
N PRO A 456 2.76 1.99 -19.22
CA PRO A 456 3.07 2.40 -17.85
C PRO A 456 2.46 3.74 -17.51
N VAL A 457 2.49 4.11 -16.23
CA VAL A 457 2.11 5.45 -15.79
C VAL A 457 3.32 6.33 -16.17
N ARG A 458 3.07 7.45 -16.88
CA ARG A 458 4.15 8.33 -17.34
C ARG A 458 4.11 9.71 -16.71
N HIS A 459 2.94 10.18 -16.24
CA HIS A 459 2.78 11.53 -15.70
C HIS A 459 2.14 11.53 -14.32
N PRO A 460 2.76 10.88 -13.30
CA PRO A 460 2.12 10.86 -11.98
C PRO A 460 2.15 12.22 -11.32
N HIS A 461 1.22 12.46 -10.38
CA HIS A 461 1.22 13.67 -9.58
C HIS A 461 2.27 13.38 -8.48
N HIS A 462 3.56 13.62 -8.80
CA HIS A 462 4.72 13.36 -7.94
C HIS A 462 5.75 14.45 -8.19
N ARG A 463 5.92 15.35 -7.19
CA ARG A 463 6.84 16.49 -7.35
C ARG A 463 8.23 16.15 -7.85
N PRO A 464 8.99 15.14 -7.30
CA PRO A 464 10.32 14.84 -7.87
C PRO A 464 10.30 14.49 -9.34
N SER A 465 9.32 13.67 -9.80
CA SER A 465 9.23 13.29 -11.20
C SER A 465 8.83 14.49 -12.08
N VAL A 466 7.94 15.37 -11.61
CA VAL A 466 7.50 16.56 -12.36
C VAL A 466 8.65 17.60 -12.45
N ALA A 467 9.27 17.91 -11.28
CA ALA A 467 10.31 18.94 -11.10
C ALA A 467 11.64 18.65 -11.74
N ASP A 468 12.01 17.37 -11.82
CA ASP A 468 13.26 17.04 -12.46
C ASP A 468 13.13 17.28 -13.97
N ASP A 469 14.22 17.14 -14.69
CA ASP A 469 14.17 17.30 -16.13
C ASP A 469 14.41 15.92 -16.72
N VAL A 470 13.64 14.96 -16.18
CA VAL A 470 13.67 13.54 -16.52
C VAL A 470 12.30 13.06 -17.06
N ASP A 471 11.23 13.12 -16.21
CA ASP A 471 9.83 12.63 -16.40
C ASP A 471 9.39 12.01 -17.75
N HIS A 472 9.62 10.70 -18.03
CA HIS A 472 10.23 9.57 -17.29
C HIS A 472 10.27 9.61 -15.76
N PRO A 473 9.14 9.18 -15.13
CA PRO A 473 9.04 9.29 -13.68
C PRO A 473 9.87 8.30 -12.90
N VAL A 474 9.97 8.53 -11.56
CA VAL A 474 10.59 7.58 -10.64
C VAL A 474 9.82 6.24 -10.83
N PRO A 475 10.52 5.11 -11.09
CA PRO A 475 9.80 3.84 -11.31
C PRO A 475 9.30 3.19 -10.02
N GLY A 476 8.41 2.21 -10.20
CA GLY A 476 7.83 1.39 -9.14
C GLY A 476 6.79 2.03 -8.27
N MET A 477 6.25 3.19 -8.70
CA MET A 477 5.20 3.91 -7.92
C MET A 477 3.79 3.47 -8.32
N VAL A 478 3.01 2.98 -7.35
CA VAL A 478 1.62 2.58 -7.57
C VAL A 478 0.73 3.83 -7.50
N VAL A 479 0.00 4.13 -8.59
CA VAL A 479 -0.88 5.32 -8.54
C VAL A 479 -2.19 5.06 -7.81
N GLY A 480 -2.86 6.12 -7.35
CA GLY A 480 -4.15 5.99 -6.66
C GLY A 480 -5.17 5.16 -7.43
N GLY A 481 -5.25 5.41 -8.74
CA GLY A 481 -6.17 4.69 -9.61
C GLY A 481 -7.53 5.34 -9.79
N PRO A 482 -8.45 4.70 -10.57
CA PRO A 482 -9.76 5.34 -10.86
C PRO A 482 -10.58 5.79 -9.66
N ASN A 483 -11.09 7.03 -9.75
CA ASN A 483 -11.89 7.64 -8.69
C ASN A 483 -13.06 8.34 -9.36
N ARG A 484 -14.24 7.72 -9.26
CA ARG A 484 -15.51 8.13 -9.87
C ARG A 484 -16.04 9.49 -9.34
N HIS A 485 -15.45 10.00 -8.26
CA HIS A 485 -15.90 11.24 -7.66
C HIS A 485 -15.39 12.51 -8.29
N LEU A 486 -14.45 12.38 -9.26
CA LEU A 486 -13.91 13.47 -10.06
C LEU A 486 -13.41 14.58 -9.17
N GLN A 487 -12.50 14.20 -8.23
CA GLN A 487 -12.02 15.09 -7.18
C GLN A 487 -10.83 16.01 -7.49
N ASP A 488 -10.64 16.34 -8.77
CA ASP A 488 -9.69 17.35 -9.26
C ASP A 488 -10.24 17.97 -10.56
N GLU A 489 -9.72 19.14 -10.96
CA GLU A 489 -10.15 19.85 -12.19
C GLU A 489 -9.97 19.05 -13.51
N ILE A 490 -8.88 18.29 -13.65
CA ILE A 490 -8.63 17.44 -14.83
C ILE A 490 -9.65 16.31 -14.91
N ALA A 491 -9.87 15.59 -13.79
CA ALA A 491 -10.85 14.51 -13.74
C ALA A 491 -12.26 15.05 -14.07
N ARG A 492 -12.65 16.22 -13.50
CA ARG A 492 -13.98 16.83 -13.75
C ARG A 492 -14.16 17.18 -15.21
N ALA A 493 -13.12 17.73 -15.85
CA ALA A 493 -13.14 18.14 -17.25
C ALA A 493 -12.99 17.02 -18.26
N GLN A 494 -12.26 15.94 -17.92
CA GLN A 494 -11.98 14.90 -18.91
C GLN A 494 -12.65 13.55 -18.69
N LEU A 495 -13.15 13.25 -17.46
CA LEU A 495 -13.68 11.91 -17.16
C LEU A 495 -15.18 11.84 -16.81
N ALA A 496 -15.92 12.98 -16.91
CA ALA A 496 -17.35 13.02 -16.60
C ALA A 496 -18.13 12.00 -17.44
N GLY A 497 -19.05 11.29 -16.79
CA GLY A 497 -19.89 10.30 -17.46
C GLY A 497 -19.26 8.97 -17.80
N ARG A 498 -17.93 8.81 -17.60
CA ARG A 498 -17.26 7.53 -17.88
C ARG A 498 -17.53 6.50 -16.78
N PRO A 499 -17.54 5.16 -17.07
CA PRO A 499 -17.78 4.19 -15.97
C PRO A 499 -16.69 4.29 -14.89
N ALA A 500 -17.04 3.86 -13.65
CA ALA A 500 -16.17 3.93 -12.47
C ALA A 500 -14.73 3.43 -12.71
N MET A 501 -14.55 2.29 -13.42
CA MET A 501 -13.20 1.79 -13.68
C MET A 501 -12.40 2.61 -14.71
N GLU A 502 -13.07 3.52 -15.43
CA GLU A 502 -12.45 4.33 -16.48
C GLU A 502 -12.21 5.77 -16.02
N ALA A 503 -12.50 6.05 -14.75
CA ALA A 503 -12.37 7.35 -14.13
C ALA A 503 -10.91 7.60 -13.66
N TYR A 504 -9.95 7.42 -14.57
CA TYR A 504 -8.52 7.61 -14.31
C TYR A 504 -7.94 8.33 -15.49
N ILE A 505 -6.97 9.22 -15.23
CA ILE A 505 -6.23 9.89 -16.32
C ILE A 505 -4.77 10.03 -15.95
N ASP A 506 -3.86 9.63 -16.87
CA ASP A 506 -2.43 9.74 -16.64
C ASP A 506 -2.03 11.16 -17.02
N HIS A 507 -2.33 12.07 -16.11
CA HIS A 507 -2.06 13.50 -16.18
C HIS A 507 -1.50 13.92 -14.84
N GLN A 508 -0.41 14.71 -14.86
CA GLN A 508 0.30 15.18 -13.65
C GLN A 508 -0.56 15.99 -12.70
N ASP A 509 -1.62 16.63 -13.21
CA ASP A 509 -2.46 17.48 -12.38
C ASP A 509 -3.61 16.70 -11.80
N SER A 510 -3.80 15.44 -12.24
CA SER A 510 -4.88 14.64 -11.65
C SER A 510 -4.44 13.98 -10.35
N TYR A 511 -4.39 14.77 -9.26
CA TYR A 511 -3.98 14.21 -7.97
C TYR A 511 -5.00 13.24 -7.38
N SER A 512 -6.29 13.35 -7.78
CA SER A 512 -7.36 12.48 -7.25
C SER A 512 -7.41 11.12 -7.93
N THR A 513 -6.66 10.93 -9.03
CA THR A 513 -6.62 9.61 -9.71
C THR A 513 -5.20 9.15 -9.96
N ASN A 514 -4.25 10.09 -9.99
CA ASN A 514 -2.88 9.82 -10.40
C ASN A 514 -1.74 10.23 -9.46
N GLU A 515 -2.01 10.34 -8.15
CA GLU A 515 -0.95 10.57 -7.16
C GLU A 515 -0.39 9.21 -6.78
N VAL A 516 0.71 9.21 -6.04
CA VAL A 516 1.41 8.03 -5.52
C VAL A 516 1.41 8.22 -3.99
N ALA A 517 1.68 7.17 -3.21
CA ALA A 517 1.70 7.29 -1.74
C ALA A 517 2.39 6.09 -1.15
N VAL A 518 3.15 6.31 -0.06
CA VAL A 518 3.87 5.22 0.65
C VAL A 518 2.91 4.10 1.12
N TYR A 519 1.68 4.46 1.45
CA TYR A 519 0.66 3.52 1.93
C TYR A 519 -0.21 2.92 0.77
N TRP A 520 0.15 3.21 -0.50
CA TRP A 520 -0.41 2.61 -1.70
C TRP A 520 0.63 1.60 -2.22
N ASN A 521 1.94 1.90 -2.03
CA ASN A 521 2.96 0.91 -2.37
C ASN A 521 3.02 -0.19 -1.34
N SER A 522 2.74 0.11 -0.05
CA SER A 522 2.90 -0.88 1.03
C SER A 522 1.98 -2.11 0.90
N PRO A 523 0.67 -1.99 0.62
CA PRO A 523 -0.10 -3.23 0.37
C PRO A 523 0.31 -3.92 -0.93
N ALA A 524 0.81 -3.17 -1.95
CA ALA A 524 1.27 -3.78 -3.21
C ALA A 524 2.49 -4.66 -2.93
N VAL A 525 3.40 -4.20 -2.04
CA VAL A 525 4.58 -4.97 -1.64
C VAL A 525 4.12 -6.28 -0.98
N PHE A 526 3.16 -6.20 -0.08
CA PHE A 526 2.62 -7.38 0.58
C PHE A 526 2.04 -8.35 -0.45
N VAL A 527 1.12 -7.87 -1.29
CA VAL A 527 0.43 -8.71 -2.29
C VAL A 527 1.37 -9.34 -3.30
N ILE A 528 2.28 -8.56 -3.85
CA ILE A 528 3.24 -9.09 -4.83
C ILE A 528 4.21 -10.10 -4.20
N ALA A 529 4.66 -9.85 -2.94
CA ALA A 529 5.53 -10.80 -2.23
C ALA A 529 4.79 -12.13 -1.99
N ALA A 530 3.47 -12.06 -1.68
CA ALA A 530 2.63 -13.26 -1.48
C ALA A 530 2.59 -14.10 -2.76
N LEU A 531 2.45 -13.44 -3.94
CA LEU A 531 2.38 -14.18 -5.23
C LEU A 531 3.69 -14.84 -5.59
N LEU A 532 4.77 -14.13 -5.33
CA LEU A 532 6.11 -14.60 -5.57
C LEU A 532 6.43 -15.78 -4.71
N GLU A 533 5.94 -15.77 -3.45
CA GLU A 533 6.08 -16.87 -2.49
C GLU A 533 5.48 -18.17 -3.01
N ALA A 534 4.16 -18.15 -3.36
CA ALA A 534 3.38 -19.28 -3.91
C ALA A 534 3.35 -20.50 -2.99
#